data_8Z80
#
_entry.id   8Z80
#
_cell.length_a   1.00
_cell.length_b   1.00
_cell.length_c   1.00
_cell.angle_alpha   90.00
_cell.angle_beta   90.00
_cell.angle_gamma   90.00
#
_symmetry.space_group_name_H-M   'P 1'
#
loop_
_entity.id
_entity.type
_entity.pdbx_description
1 polymer 'Thiamine transporter 1'
2 non-polymer 4,5-bis(hydroxymethyl)-2-methyl-pyridin-3-ol
#
_entity_poly.entity_id   1
_entity_poly.type   'polypeptide(L)'
_entity_poly.pdbx_seq_one_letter_code
;MDVPGPVSRRAAAAAATVLLRTARVRRECWFLPTALLCAYGFFASLRPSEPFLTPYLLGPDKNLTEREVFNEIYPVWTYS
YLVLLFPVFLATDYLRYKPVVLLQGLSLIVTWFMLLYAQGLLAIQFLEFFYGIATATEIAYYSYIYSVVDLGMYQKVTSY
CRSATLVGFTVGSVLGQILVSVAGWSLFSLNVISLTCVSVAFAVAWFLPMPQKSLFFHHIPSTCQRVNGIKVQNGGIVTD
TPASNHLPGWEDIESKIPLNMEEPPVEEPEPKPDRLLVLKVLWNDFLMCYSSRPLLCWSVWWALSTCGYFQVVNYTQGLW
EKVMPSRYAAIYNGGVEAVSTLLGAVAVFAVGYIKISWSTWGEMTLSLFSLLIAAAVYIMDTVGNIWVCYASYVVFRIIY
MLLITIATFQIAANLSMERYALVFGVNTFIALALQTLLTLIVVDASGLGLEITTQFLIYASYFALIAVVFLASGAVSVMK
KCRKLEDPQSSSQVTTS
;
_entity_poly.pdbx_strand_id   B
#
loop_
_chem_comp.id
_chem_comp.type
_chem_comp.name
_chem_comp.formula
UEG non-polymer 4,5-bis(hydroxymethyl)-2-methyl-pyridin-3-ol 'C8 H11 N O3'
#
# COMPACT_ATOMS: atom_id res chain seq x y z
N PHE A 31 -26.28 -6.85 -12.80
CA PHE A 31 -25.83 -7.44 -11.55
C PHE A 31 -24.72 -8.45 -11.78
N LEU A 32 -24.88 -9.27 -12.82
CA LEU A 32 -23.92 -10.32 -13.10
C LEU A 32 -22.54 -9.79 -13.50
N PRO A 33 -22.40 -8.76 -14.36
CA PRO A 33 -21.07 -8.17 -14.54
C PRO A 33 -20.44 -7.71 -13.23
N THR A 34 -21.22 -7.12 -12.33
CA THR A 34 -20.67 -6.65 -11.06
C THR A 34 -20.24 -7.82 -10.18
N ALA A 35 -21.00 -8.91 -10.20
CA ALA A 35 -20.60 -10.11 -9.49
C ALA A 35 -19.30 -10.66 -10.05
N LEU A 36 -19.15 -10.61 -11.38
CA LEU A 36 -17.89 -11.01 -11.99
C LEU A 36 -16.75 -10.10 -11.55
N LEU A 37 -17.02 -8.79 -11.43
CA LEU A 37 -16.03 -7.84 -10.95
C LEU A 37 -15.56 -8.19 -9.55
N CYS A 38 -16.50 -8.46 -8.64
CA CYS A 38 -16.12 -8.75 -7.27
C CYS A 38 -15.41 -10.09 -7.17
N ALA A 39 -15.83 -11.08 -7.96
CA ALA A 39 -15.16 -12.37 -7.97
C ALA A 39 -13.72 -12.24 -8.49
N TYR A 40 -13.53 -11.47 -9.56
CA TYR A 40 -12.19 -11.28 -10.11
C TYR A 40 -11.31 -10.53 -9.12
N GLY A 41 -11.84 -9.50 -8.46
CA GLY A 41 -11.07 -8.80 -7.45
C GLY A 41 -10.69 -9.70 -6.29
N PHE A 42 -11.64 -10.53 -5.84
CA PHE A 42 -11.38 -11.49 -4.78
C PHE A 42 -10.29 -12.47 -5.17
N PHE A 43 -10.33 -12.97 -6.41
CA PHE A 43 -9.34 -13.95 -6.85
C PHE A 43 -7.97 -13.31 -7.04
N ALA A 44 -7.92 -12.12 -7.62
CA ALA A 44 -6.65 -11.44 -7.83
C ALA A 44 -6.00 -11.05 -6.51
N SER A 45 -6.79 -10.55 -5.57
CA SER A 45 -6.25 -10.20 -4.26
C SER A 45 -5.94 -11.42 -3.42
N LEU A 46 -6.51 -12.57 -3.73
CA LEU A 46 -6.26 -13.79 -2.98
C LEU A 46 -4.87 -14.29 -3.37
N ARG A 47 -3.86 -13.81 -2.66
CA ARG A 47 -2.47 -14.19 -2.89
C ARG A 47 -1.93 -14.81 -1.62
N PRO A 48 -1.96 -16.14 -1.52
CA PRO A 48 -1.45 -16.80 -0.30
C PRO A 48 0.04 -16.60 -0.08
N SER A 49 0.78 -16.24 -1.14
CA SER A 49 2.23 -16.15 -1.08
C SER A 49 2.73 -14.81 -0.59
N GLU A 50 1.85 -13.82 -0.41
CA GLU A 50 2.27 -12.51 0.05
C GLU A 50 2.88 -12.55 1.45
N PRO A 51 2.24 -13.16 2.45
CA PRO A 51 2.85 -13.17 3.80
C PRO A 51 4.16 -13.92 3.88
N PHE A 52 4.37 -14.96 3.08
CA PHE A 52 5.52 -15.84 3.20
C PHE A 52 6.55 -15.61 2.10
N LEU A 53 6.79 -14.36 1.71
CA LEU A 53 7.75 -14.09 0.65
C LEU A 53 9.18 -14.32 1.10
N THR A 54 9.54 -13.83 2.29
CA THR A 54 10.93 -13.81 2.71
C THR A 54 11.62 -15.18 2.82
N PRO A 55 10.98 -16.26 3.33
CA PRO A 55 11.74 -17.53 3.41
C PRO A 55 11.99 -18.16 2.06
N TYR A 56 11.23 -17.78 1.03
CA TYR A 56 11.43 -18.33 -0.30
C TYR A 56 12.77 -17.87 -0.88
N LEU A 57 13.13 -16.60 -0.69
CA LEU A 57 14.35 -16.08 -1.28
C LEU A 57 15.58 -16.58 -0.53
N LEU A 58 15.53 -16.62 0.79
CA LEU A 58 16.70 -16.99 1.59
C LEU A 58 17.03 -18.47 1.49
N GLY A 59 16.05 -19.33 1.24
CA GLY A 59 16.29 -20.75 1.25
C GLY A 59 16.95 -21.21 -0.03
N PRO A 60 17.19 -22.54 -0.10
CA PRO A 60 17.74 -23.13 -1.34
C PRO A 60 16.93 -22.85 -2.60
N ASP A 61 15.77 -22.21 -2.50
CA ASP A 61 14.95 -21.95 -3.68
C ASP A 61 15.67 -21.02 -4.65
N LYS A 62 16.35 -19.99 -4.13
CA LYS A 62 17.10 -19.06 -4.97
C LYS A 62 18.56 -18.92 -4.57
N ASN A 63 18.89 -19.07 -3.29
CA ASN A 63 20.26 -18.92 -2.79
C ASN A 63 20.84 -17.55 -3.16
N LEU A 64 20.21 -16.52 -2.63
CA LEU A 64 20.61 -15.13 -2.87
C LEU A 64 21.15 -14.51 -1.59
N THR A 65 22.09 -13.59 -1.75
CA THR A 65 22.57 -12.82 -0.60
C THR A 65 21.54 -11.77 -0.24
N GLU A 66 21.03 -11.85 0.99
CA GLU A 66 19.92 -10.99 1.40
C GLU A 66 20.34 -9.53 1.51
N ARG A 67 21.60 -9.25 1.84
CA ARG A 67 22.11 -7.87 1.74
C ARG A 67 21.93 -7.33 0.33
N GLU A 68 22.37 -8.10 -0.67
CA GLU A 68 22.24 -7.65 -2.06
C GLU A 68 20.78 -7.49 -2.45
N VAL A 69 19.93 -8.42 -2.01
CA VAL A 69 18.50 -8.34 -2.28
C VAL A 69 17.95 -7.02 -1.77
N PHE A 70 18.06 -6.80 -0.46
CA PHE A 70 17.53 -5.59 0.17
C PHE A 70 18.12 -4.33 -0.46
N ASN A 71 19.40 -4.35 -0.82
CA ASN A 71 20.04 -3.14 -1.29
C ASN A 71 19.66 -2.80 -2.73
N GLU A 72 19.47 -3.80 -3.59
CA GLU A 72 19.36 -3.51 -5.01
C GLU A 72 18.02 -3.86 -5.63
N ILE A 73 17.39 -4.97 -5.24
CA ILE A 73 16.21 -5.44 -5.96
C ILE A 73 15.06 -4.46 -5.84
N TYR A 74 14.83 -3.94 -4.63
CA TYR A 74 13.64 -3.16 -4.36
C TYR A 74 13.67 -1.71 -4.86
N PRO A 75 14.80 -0.96 -4.82
CA PRO A 75 14.78 0.42 -5.30
C PRO A 75 14.31 0.61 -6.74
N VAL A 76 14.71 -0.29 -7.65
CA VAL A 76 14.29 -0.15 -9.04
C VAL A 76 12.81 -0.40 -9.21
N TRP A 77 12.21 -1.23 -8.36
CA TRP A 77 10.75 -1.33 -8.32
C TRP A 77 10.13 0.03 -8.05
N THR A 78 10.62 0.75 -7.04
CA THR A 78 10.09 2.05 -6.72
C THR A 78 10.28 3.04 -7.87
N TYR A 79 11.48 3.02 -8.48
CA TYR A 79 11.75 3.94 -9.58
C TYR A 79 10.84 3.64 -10.78
N SER A 80 10.67 2.36 -11.12
CA SER A 80 9.80 2.00 -12.23
C SER A 80 8.37 2.37 -11.95
N TYR A 81 7.90 2.16 -10.72
CA TYR A 81 6.53 2.52 -10.37
C TYR A 81 6.34 4.03 -10.50
N LEU A 82 7.32 4.82 -10.04
CA LEU A 82 7.26 6.26 -10.20
C LEU A 82 7.19 6.66 -11.67
N VAL A 83 8.10 6.13 -12.50
CA VAL A 83 8.19 6.57 -13.88
C VAL A 83 7.04 6.03 -14.72
N LEU A 84 6.38 4.97 -14.28
CA LEU A 84 5.38 4.28 -15.07
C LEU A 84 3.95 4.54 -14.61
N LEU A 85 3.75 5.10 -13.40
CA LEU A 85 2.40 5.37 -12.94
C LEU A 85 1.69 6.37 -13.86
N PHE A 86 2.37 7.47 -14.19
CA PHE A 86 1.77 8.49 -15.04
C PHE A 86 1.39 7.98 -16.43
N PRO A 87 2.26 7.26 -17.16
CA PRO A 87 1.83 6.79 -18.49
C PRO A 87 0.62 5.87 -18.47
N VAL A 88 0.60 4.87 -17.58
CA VAL A 88 -0.56 3.98 -17.53
C VAL A 88 -1.79 4.71 -17.01
N PHE A 89 -1.61 5.66 -16.09
CA PHE A 89 -2.75 6.41 -15.57
C PHE A 89 -3.40 7.23 -16.68
N LEU A 90 -2.59 7.80 -17.58
CA LEU A 90 -3.16 8.49 -18.73
C LEU A 90 -3.69 7.52 -19.78
N ALA A 91 -3.09 6.34 -19.90
CA ALA A 91 -3.57 5.35 -20.86
C ALA A 91 -4.93 4.79 -20.46
N THR A 92 -5.23 4.78 -19.16
CA THR A 92 -6.56 4.37 -18.70
C THR A 92 -7.64 5.25 -19.34
N ASP A 93 -7.44 6.57 -19.29
CA ASP A 93 -8.37 7.45 -19.98
C ASP A 93 -8.25 7.34 -21.49
N TYR A 94 -7.05 7.07 -22.00
CA TYR A 94 -6.87 6.91 -23.44
C TYR A 94 -7.66 5.73 -23.97
N LEU A 95 -7.64 4.61 -23.25
CA LEU A 95 -8.31 3.38 -23.69
C LEU A 95 -9.64 3.15 -22.99
N ARG A 96 -10.11 4.12 -22.20
CA ARG A 96 -11.42 4.07 -21.56
C ARG A 96 -11.56 2.85 -20.63
N TYR A 97 -10.50 2.56 -19.88
CA TYR A 97 -10.45 1.58 -18.80
C TYR A 97 -10.68 0.13 -19.24
N LYS A 98 -10.81 -0.15 -20.52
CA LYS A 98 -11.14 -1.53 -20.90
C LYS A 98 -9.92 -2.46 -20.83
N PRO A 99 -8.80 -2.17 -21.51
CA PRO A 99 -7.72 -3.15 -21.55
C PRO A 99 -6.82 -3.15 -20.31
N VAL A 100 -7.05 -2.25 -19.37
CA VAL A 100 -6.14 -2.13 -18.23
C VAL A 100 -6.21 -3.36 -17.33
N VAL A 101 -7.39 -3.96 -17.18
CA VAL A 101 -7.49 -5.19 -16.41
C VAL A 101 -6.75 -6.32 -17.11
N LEU A 102 -6.80 -6.34 -18.44
CA LEU A 102 -6.02 -7.32 -19.20
C LEU A 102 -4.53 -7.11 -18.99
N LEU A 103 -4.09 -5.84 -18.97
CA LEU A 103 -2.70 -5.54 -18.65
C LEU A 103 -2.33 -6.05 -17.27
N GLN A 104 -3.20 -5.83 -16.28
CA GLN A 104 -2.94 -6.29 -14.92
C GLN A 104 -2.84 -7.82 -14.87
N GLY A 105 -3.74 -8.51 -15.55
CA GLY A 105 -3.69 -9.96 -15.54
C GLY A 105 -2.45 -10.53 -16.21
N LEU A 106 -2.10 -9.98 -17.38
CA LEU A 106 -0.88 -10.44 -18.06
C LEU A 106 0.35 -10.13 -17.23
N SER A 107 0.36 -8.98 -16.55
CA SER A 107 1.49 -8.65 -15.69
C SER A 107 1.59 -9.63 -14.53
N LEU A 108 0.47 -10.02 -13.94
CA LEU A 108 0.51 -11.05 -12.89
C LEU A 108 1.06 -12.36 -13.43
N ILE A 109 0.62 -12.77 -14.63
CA ILE A 109 1.09 -14.03 -15.20
C ILE A 109 2.61 -13.99 -15.39
N VAL A 110 3.11 -12.93 -16.03
CA VAL A 110 4.54 -12.86 -16.29
C VAL A 110 5.32 -12.68 -14.99
N THR A 111 4.76 -11.95 -14.03
CA THR A 111 5.42 -11.76 -12.73
C THR A 111 5.59 -13.07 -12.01
N TRP A 112 4.56 -13.92 -12.02
CA TRP A 112 4.65 -15.16 -11.28
C TRP A 112 5.51 -16.18 -12.03
N PHE A 113 5.48 -16.15 -13.37
CA PHE A 113 6.42 -16.97 -14.12
C PHE A 113 7.87 -16.58 -13.81
N MET A 114 8.15 -15.29 -13.76
CA MET A 114 9.52 -14.84 -13.47
C MET A 114 9.89 -15.12 -12.02
N LEU A 115 8.93 -15.01 -11.10
CA LEU A 115 9.19 -15.34 -9.70
C LEU A 115 9.51 -16.81 -9.54
N LEU A 116 8.86 -17.67 -10.32
CA LEU A 116 9.19 -19.09 -10.29
C LEU A 116 10.51 -19.37 -11.01
N TYR A 117 10.91 -18.52 -11.95
CA TYR A 117 12.12 -18.76 -12.74
C TYR A 117 12.90 -17.45 -12.90
N ALA A 118 13.93 -17.26 -12.07
CA ALA A 118 14.83 -16.11 -12.17
C ALA A 118 16.08 -16.34 -11.34
N GLN A 119 17.25 -16.11 -11.91
CA GLN A 119 18.53 -16.27 -11.22
C GLN A 119 19.41 -15.07 -11.46
N GLY A 120 20.23 -14.73 -10.46
CA GLY A 120 21.19 -13.66 -10.58
C GLY A 120 20.78 -12.38 -9.89
N LEU A 121 21.01 -11.25 -10.55
CA LEU A 121 20.56 -9.94 -10.07
C LEU A 121 19.65 -9.24 -11.06
N LEU A 122 20.05 -9.20 -12.34
CA LEU A 122 19.24 -8.51 -13.34
C LEU A 122 17.91 -9.23 -13.58
N ALA A 123 17.91 -10.57 -13.53
CA ALA A 123 16.68 -11.32 -13.72
C ALA A 123 15.67 -10.97 -12.63
N ILE A 124 16.13 -10.85 -11.39
CA ILE A 124 15.22 -10.50 -10.31
C ILE A 124 14.87 -9.01 -10.36
N GLN A 125 15.74 -8.19 -10.95
CA GLN A 125 15.36 -6.81 -11.21
C GLN A 125 14.17 -6.74 -12.16
N PHE A 126 14.22 -7.53 -13.25
CA PHE A 126 13.05 -7.63 -14.13
C PHE A 126 11.85 -8.24 -13.41
N LEU A 127 12.11 -9.22 -12.54
CA LEU A 127 11.07 -9.83 -11.70
C LEU A 127 10.27 -8.77 -10.96
N GLU A 128 10.98 -7.88 -10.27
CA GLU A 128 10.31 -6.83 -9.51
C GLU A 128 9.78 -5.70 -10.39
N PHE A 129 10.40 -5.45 -11.55
CA PHE A 129 9.81 -4.52 -12.50
C PHE A 129 8.44 -4.99 -12.95
N PHE A 130 8.29 -6.30 -13.16
CA PHE A 130 6.99 -6.85 -13.52
C PHE A 130 5.98 -6.66 -12.39
N TYR A 131 6.39 -6.86 -11.15
CA TYR A 131 5.49 -6.61 -10.03
C TYR A 131 5.10 -5.14 -9.95
N GLY A 132 6.03 -4.25 -10.27
CA GLY A 132 5.73 -2.83 -10.29
C GLY A 132 4.71 -2.45 -11.34
N ILE A 133 4.88 -2.96 -12.56
CA ILE A 133 3.92 -2.68 -13.61
C ILE A 133 2.59 -3.36 -13.33
N ALA A 134 2.59 -4.43 -12.52
CA ALA A 134 1.33 -5.00 -12.06
C ALA A 134 0.64 -4.08 -11.05
N THR A 135 1.40 -3.60 -10.06
CA THR A 135 0.83 -2.77 -9.01
C THR A 135 0.36 -1.42 -9.55
N ALA A 136 0.96 -0.96 -10.65
CA ALA A 136 0.57 0.32 -11.23
C ALA A 136 -0.87 0.33 -11.75
N THR A 137 -1.50 -0.83 -11.90
CA THR A 137 -2.84 -0.94 -12.46
C THR A 137 -3.93 -1.16 -11.40
N GLU A 138 -3.58 -1.14 -10.12
CA GLU A 138 -4.60 -1.19 -9.08
C GLU A 138 -5.49 0.04 -9.13
N ILE A 139 -4.91 1.20 -9.42
CA ILE A 139 -5.70 2.42 -9.60
C ILE A 139 -6.67 2.24 -10.77
N ALA A 140 -6.20 1.63 -11.86
CA ALA A 140 -7.07 1.38 -13.00
C ALA A 140 -8.21 0.46 -12.63
N TYR A 141 -7.93 -0.60 -11.87
CA TYR A 141 -8.99 -1.48 -11.39
C TYR A 141 -10.02 -0.72 -10.56
N TYR A 142 -9.56 0.04 -9.58
CA TYR A 142 -10.49 0.70 -8.68
C TYR A 142 -11.23 1.85 -9.34
N SER A 143 -10.71 2.39 -10.44
CA SER A 143 -11.37 3.48 -11.13
C SER A 143 -12.27 3.02 -12.27
N TYR A 144 -12.03 1.82 -12.81
CA TYR A 144 -12.89 1.29 -13.86
C TYR A 144 -14.33 1.11 -13.38
N ILE A 145 -14.50 0.87 -12.08
CA ILE A 145 -15.82 0.58 -11.53
C ILE A 145 -16.76 1.76 -11.77
N TYR A 146 -16.23 2.98 -11.67
CA TYR A 146 -17.02 4.18 -11.93
C TYR A 146 -17.46 4.28 -13.39
N SER A 147 -16.78 3.61 -14.30
CA SER A 147 -17.02 3.79 -15.73
C SER A 147 -18.13 2.92 -16.28
N VAL A 148 -18.76 2.07 -15.47
CA VAL A 148 -19.80 1.18 -15.96
C VAL A 148 -21.08 1.21 -15.16
N VAL A 149 -21.08 1.68 -13.91
CA VAL A 149 -22.25 1.59 -13.04
C VAL A 149 -22.77 3.00 -12.78
N ASP A 150 -24.00 3.06 -12.25
CA ASP A 150 -24.64 4.34 -11.96
C ASP A 150 -23.88 5.09 -10.88
N LEU A 151 -23.92 6.41 -10.96
CA LEU A 151 -23.16 7.25 -10.02
C LEU A 151 -23.66 7.07 -8.59
N GLY A 152 -24.97 7.02 -8.40
CA GLY A 152 -25.50 6.81 -7.06
C GLY A 152 -25.11 5.45 -6.51
N MET A 153 -25.17 4.42 -7.34
CA MET A 153 -24.79 3.07 -6.93
C MET A 153 -23.29 2.85 -6.94
N TYR A 154 -22.52 3.78 -7.48
CA TYR A 154 -21.07 3.61 -7.55
C TYR A 154 -20.46 3.52 -6.16
N GLN A 155 -20.92 4.36 -5.23
CA GLN A 155 -20.37 4.34 -3.88
C GLN A 155 -20.62 3.01 -3.20
N LYS A 156 -21.85 2.50 -3.28
CA LYS A 156 -22.14 1.23 -2.61
C LYS A 156 -21.43 0.07 -3.28
N VAL A 157 -21.35 0.06 -4.60
CA VAL A 157 -20.67 -1.07 -5.25
C VAL A 157 -19.17 -1.02 -5.01
N THR A 158 -18.57 0.17 -4.92
CA THR A 158 -17.15 0.22 -4.62
C THR A 158 -16.88 -0.08 -3.15
N SER A 159 -17.82 0.23 -2.26
CA SER A 159 -17.70 -0.23 -0.88
C SER A 159 -17.73 -1.75 -0.83
N TYR A 160 -18.63 -2.38 -1.58
CA TYR A 160 -18.66 -3.83 -1.66
C TYR A 160 -17.37 -4.38 -2.25
N CYS A 161 -16.80 -3.69 -3.24
CA CYS A 161 -15.56 -4.15 -3.86
C CYS A 161 -14.40 -4.09 -2.88
N ARG A 162 -14.25 -2.97 -2.15
CA ARG A 162 -13.16 -2.91 -1.17
C ARG A 162 -13.38 -3.90 -0.03
N SER A 163 -14.63 -4.13 0.37
CA SER A 163 -14.90 -5.16 1.36
C SER A 163 -14.48 -6.53 0.85
N ALA A 164 -14.77 -6.82 -0.42
CA ALA A 164 -14.35 -8.09 -1.01
C ALA A 164 -12.83 -8.21 -1.04
N THR A 165 -12.14 -7.12 -1.37
CA THR A 165 -10.68 -7.16 -1.36
C THR A 165 -10.14 -7.41 0.03
N LEU A 166 -10.72 -6.75 1.05
CA LEU A 166 -10.26 -6.94 2.42
C LEU A 166 -10.50 -8.36 2.91
N VAL A 167 -11.70 -8.90 2.64
CA VAL A 167 -11.98 -10.25 3.11
C VAL A 167 -11.14 -11.27 2.32
N GLY A 168 -10.86 -11.01 1.05
CA GLY A 168 -9.97 -11.88 0.30
C GLY A 168 -8.56 -11.84 0.83
N PHE A 169 -8.09 -10.66 1.23
CA PHE A 169 -6.79 -10.53 1.87
C PHE A 169 -6.72 -11.36 3.15
N THR A 170 -7.75 -11.22 3.99
CA THR A 170 -7.78 -11.99 5.24
C THR A 170 -7.84 -13.49 4.97
N VAL A 171 -8.66 -13.90 4.00
CA VAL A 171 -8.82 -15.32 3.69
C VAL A 171 -7.53 -15.89 3.13
N GLY A 172 -6.87 -15.17 2.23
CA GLY A 172 -5.60 -15.63 1.71
C GLY A 172 -4.53 -15.72 2.78
N SER A 173 -4.48 -14.74 3.69
CA SER A 173 -3.49 -14.77 4.77
C SER A 173 -3.72 -15.97 5.68
N VAL A 174 -4.97 -16.20 6.08
CA VAL A 174 -5.24 -17.31 6.98
C VAL A 174 -5.05 -18.65 6.26
N LEU A 175 -5.36 -18.70 4.95
CA LEU A 175 -5.11 -19.91 4.18
C LEU A 175 -3.63 -20.21 4.09
N GLY A 176 -2.80 -19.19 3.84
CA GLY A 176 -1.38 -19.41 3.84
C GLY A 176 -0.86 -19.85 5.19
N GLN A 177 -1.38 -19.25 6.27
CA GLN A 177 -0.97 -19.65 7.60
C GLN A 177 -1.33 -21.10 7.89
N ILE A 178 -2.54 -21.52 7.50
CA ILE A 178 -2.98 -22.89 7.73
C ILE A 178 -2.17 -23.86 6.90
N LEU A 179 -1.93 -23.53 5.62
CA LEU A 179 -1.19 -24.43 4.75
C LEU A 179 0.29 -24.50 5.09
N VAL A 180 0.83 -23.48 5.74
CA VAL A 180 2.24 -23.49 6.11
C VAL A 180 2.47 -24.14 7.47
N SER A 181 1.68 -23.76 8.47
CA SER A 181 1.87 -24.23 9.84
C SER A 181 0.93 -25.37 10.21
N VAL A 182 -0.38 -25.16 10.07
CA VAL A 182 -1.34 -26.18 10.48
C VAL A 182 -1.22 -27.41 9.60
N ALA A 183 -1.11 -27.22 8.29
CA ALA A 183 -0.98 -28.34 7.36
C ALA A 183 0.45 -28.79 7.18
N GLY A 184 1.43 -27.93 7.45
CA GLY A 184 2.81 -28.28 7.24
C GLY A 184 3.17 -28.52 5.79
N TRP A 185 2.54 -27.79 4.88
CA TRP A 185 2.83 -27.90 3.46
C TRP A 185 3.86 -26.85 3.06
N SER A 186 4.81 -27.25 2.22
CA SER A 186 5.87 -26.34 1.81
C SER A 186 5.31 -25.24 0.90
N LEU A 187 6.14 -24.21 0.71
CA LEU A 187 5.73 -23.05 -0.07
C LEU A 187 5.65 -23.33 -1.57
N PHE A 188 6.17 -24.47 -2.02
CA PHE A 188 6.13 -24.80 -3.45
C PHE A 188 4.70 -24.96 -3.93
N SER A 189 3.92 -25.82 -3.27
CA SER A 189 2.52 -25.96 -3.64
C SER A 189 1.76 -24.67 -3.39
N LEU A 190 2.21 -23.87 -2.42
CA LEU A 190 1.49 -22.66 -2.07
C LEU A 190 1.63 -21.60 -3.16
N ASN A 191 2.84 -21.38 -3.67
CA ASN A 191 2.93 -20.41 -4.76
C ASN A 191 2.47 -21.00 -6.09
N VAL A 192 2.44 -22.33 -6.23
CA VAL A 192 1.77 -22.93 -7.37
C VAL A 192 0.28 -22.58 -7.37
N ILE A 193 -0.37 -22.71 -6.21
CA ILE A 193 -1.79 -22.38 -6.16
C ILE A 193 -1.99 -20.88 -6.23
N SER A 194 -1.00 -20.08 -5.81
CA SER A 194 -1.08 -18.64 -6.03
C SER A 194 -1.10 -18.30 -7.51
N LEU A 195 -0.20 -18.91 -8.27
CA LEU A 195 -0.19 -18.70 -9.72
C LEU A 195 -1.49 -19.19 -10.35
N THR A 196 -1.99 -20.34 -9.89
CA THR A 196 -3.26 -20.84 -10.42
C THR A 196 -4.39 -19.86 -10.13
N CYS A 197 -4.38 -19.26 -8.94
CA CYS A 197 -5.43 -18.31 -8.57
C CYS A 197 -5.36 -17.05 -9.43
N VAL A 198 -4.15 -16.53 -9.69
CA VAL A 198 -4.07 -15.34 -10.53
C VAL A 198 -4.45 -15.67 -11.98
N SER A 199 -4.14 -16.88 -12.45
CA SER A 199 -4.58 -17.28 -13.78
C SER A 199 -6.09 -17.38 -13.86
N VAL A 200 -6.72 -17.93 -12.82
CA VAL A 200 -8.18 -17.98 -12.78
C VAL A 200 -8.76 -16.57 -12.75
N ALA A 201 -8.09 -15.66 -12.03
CA ALA A 201 -8.54 -14.27 -11.99
C ALA A 201 -8.49 -13.65 -13.38
N PHE A 202 -7.39 -13.87 -14.12
CA PHE A 202 -7.29 -13.32 -15.47
C PHE A 202 -8.35 -13.91 -16.39
N ALA A 203 -8.55 -15.24 -16.30
CA ALA A 203 -9.54 -15.89 -17.16
C ALA A 203 -10.94 -15.38 -16.87
N VAL A 204 -11.24 -15.10 -15.59
CA VAL A 204 -12.52 -14.51 -15.23
C VAL A 204 -12.62 -13.08 -15.79
N ALA A 205 -11.58 -12.28 -15.58
CA ALA A 205 -11.62 -10.88 -15.98
C ALA A 205 -11.66 -10.69 -17.49
N TRP A 206 -11.32 -11.73 -18.25
CA TRP A 206 -11.39 -11.60 -19.71
C TRP A 206 -12.81 -11.35 -20.21
N PHE A 207 -13.85 -11.70 -19.43
CA PHE A 207 -15.23 -11.68 -19.90
C PHE A 207 -16.01 -10.50 -19.34
N LEU A 208 -15.39 -9.33 -19.23
CA LEU A 208 -16.07 -8.15 -18.74
C LEU A 208 -16.88 -7.47 -19.85
N PRO A 209 -17.92 -6.71 -19.48
CA PRO A 209 -18.70 -5.98 -20.49
C PRO A 209 -17.99 -4.73 -21.00
N MET A 210 -18.69 -3.96 -21.83
CA MET A 210 -18.09 -2.80 -22.46
C MET A 210 -18.08 -1.61 -21.52
N PRO A 211 -16.92 -1.01 -21.25
CA PRO A 211 -16.90 0.27 -20.52
C PRO A 211 -17.34 1.41 -21.41
N GLN A 212 -18.66 1.64 -21.48
CA GLN A 212 -19.21 2.63 -22.40
C GLN A 212 -18.59 4.02 -22.18
N LYS A 213 -18.23 4.35 -20.95
CA LYS A 213 -17.57 5.61 -20.67
C LYS A 213 -16.08 5.54 -21.00
N VAL A 278 -4.89 20.89 -21.20
CA VAL A 278 -4.25 20.15 -20.13
C VAL A 278 -2.93 20.81 -19.72
N LEU A 279 -2.52 21.83 -20.48
CA LEU A 279 -1.31 22.56 -20.14
C LEU A 279 -1.53 23.46 -18.93
N LYS A 280 -2.47 24.40 -19.04
CA LYS A 280 -2.81 25.29 -17.94
C LYS A 280 -4.10 24.91 -17.23
N VAL A 281 -5.04 24.27 -17.93
CA VAL A 281 -6.29 23.85 -17.30
C VAL A 281 -6.02 22.73 -16.29
N LEU A 282 -5.29 21.70 -16.71
CA LEU A 282 -5.00 20.59 -15.81
C LEU A 282 -4.02 21.02 -14.71
N TRP A 283 -3.10 21.92 -15.04
CA TRP A 283 -2.22 22.47 -14.01
C TRP A 283 -3.01 23.25 -12.97
N ASN A 284 -3.99 24.04 -13.42
CA ASN A 284 -4.88 24.73 -12.49
C ASN A 284 -5.91 23.80 -11.87
N ASP A 285 -6.14 22.64 -12.47
CA ASP A 285 -7.08 21.68 -11.91
C ASP A 285 -6.61 21.17 -10.55
N PHE A 286 -5.33 20.86 -10.42
CA PHE A 286 -4.79 20.45 -9.13
C PHE A 286 -4.34 21.65 -8.30
N LEU A 287 -3.98 22.75 -8.95
CA LEU A 287 -3.56 23.94 -8.21
C LEU A 287 -4.71 24.53 -7.40
N MET A 288 -5.92 24.53 -7.95
CA MET A 288 -7.08 25.03 -7.22
C MET A 288 -7.39 24.18 -5.98
N CYS A 289 -6.94 22.93 -5.95
CA CYS A 289 -7.06 22.08 -4.79
C CYS A 289 -6.06 22.44 -3.69
N TYR A 290 -5.39 23.58 -3.80
CA TYR A 290 -4.48 24.04 -2.75
C TYR A 290 -4.61 25.53 -2.47
N SER A 291 -5.43 26.26 -3.21
CA SER A 291 -5.60 27.71 -2.99
C SER A 291 -6.74 27.99 -2.02
N SER A 292 -6.71 27.35 -0.87
CA SER A 292 -7.69 27.58 0.19
C SER A 292 -7.10 27.05 1.49
N ARG A 293 -7.72 27.45 2.61
CA ARG A 293 -7.24 27.02 3.92
C ARG A 293 -7.27 25.51 4.08
N PRO A 294 -8.35 24.81 3.74
CA PRO A 294 -8.36 23.35 3.93
C PRO A 294 -7.97 22.60 2.66
N LEU A 295 -7.81 23.34 1.56
CA LEU A 295 -7.48 22.70 0.29
C LEU A 295 -6.07 22.10 0.32
N LEU A 296 -5.09 22.89 0.73
CA LEU A 296 -3.71 22.39 0.81
C LEU A 296 -3.51 21.52 2.04
N CYS A 297 -4.29 21.73 3.08
CA CYS A 297 -4.07 21.04 4.34
C CYS A 297 -4.48 19.57 4.26
N TRP A 298 -3.83 18.77 5.12
CA TRP A 298 -3.95 17.32 5.26
C TRP A 298 -3.29 16.57 4.10
N SER A 299 -2.91 17.30 3.04
CA SER A 299 -2.45 16.64 1.83
C SER A 299 -1.03 16.08 2.02
N VAL A 300 -0.08 16.96 2.34
CA VAL A 300 1.29 16.51 2.55
C VAL A 300 1.38 15.58 3.74
N TRP A 301 0.51 15.78 4.74
CA TRP A 301 0.48 14.86 5.88
C TRP A 301 0.08 13.45 5.45
N TRP A 302 -0.98 13.33 4.65
CA TRP A 302 -1.36 12.02 4.15
C TRP A 302 -0.26 11.43 3.28
N ALA A 303 0.36 12.26 2.44
CA ALA A 303 1.41 11.77 1.55
C ALA A 303 2.60 11.25 2.34
N LEU A 304 2.99 11.95 3.40
CA LEU A 304 4.15 11.52 4.17
C LEU A 304 3.84 10.32 5.05
N SER A 305 2.60 10.20 5.54
CA SER A 305 2.20 8.96 6.19
C SER A 305 2.24 7.79 5.23
N THR A 306 1.79 8.01 4.00
CA THR A 306 1.88 7.00 2.96
C THR A 306 3.33 6.64 2.69
N CYS A 307 4.23 7.64 2.71
CA CYS A 307 5.65 7.37 2.60
C CYS A 307 6.14 6.46 3.70
N GLY A 308 5.78 6.78 4.95
CA GLY A 308 6.23 5.97 6.07
C GLY A 308 5.79 4.53 5.92
N TYR A 309 4.51 4.31 5.58
CA TYR A 309 4.03 2.95 5.43
C TYR A 309 4.68 2.24 4.26
N PHE A 310 4.71 2.87 3.09
CA PHE A 310 5.27 2.17 1.94
C PHE A 310 6.77 1.98 2.03
N GLN A 311 7.43 2.67 2.97
CA GLN A 311 8.83 2.38 3.24
C GLN A 311 9.00 1.27 4.27
N VAL A 312 8.12 1.18 5.26
CA VAL A 312 8.34 0.20 6.32
C VAL A 312 7.71 -1.16 6.04
N VAL A 313 6.63 -1.22 5.26
CA VAL A 313 5.92 -2.47 5.09
C VAL A 313 6.76 -3.47 4.30
N ASN A 314 7.54 -2.98 3.34
CA ASN A 314 8.34 -3.88 2.50
C ASN A 314 9.47 -4.52 3.29
N TYR A 315 10.12 -3.75 4.16
CA TYR A 315 11.26 -4.23 4.91
C TYR A 315 10.90 -4.75 6.29
N THR A 316 9.62 -4.70 6.67
CA THR A 316 9.21 -5.34 7.92
C THR A 316 9.47 -6.85 7.86
N GLN A 317 9.24 -7.47 6.70
CA GLN A 317 9.55 -8.88 6.52
C GLN A 317 11.04 -9.15 6.76
N GLY A 318 11.90 -8.31 6.18
CA GLY A 318 13.33 -8.48 6.37
C GLY A 318 13.74 -8.30 7.82
N LEU A 319 13.14 -7.34 8.51
CA LEU A 319 13.46 -7.14 9.92
C LEU A 319 13.04 -8.36 10.74
N TRP A 320 11.84 -8.90 10.46
CA TRP A 320 11.38 -10.08 11.18
C TRP A 320 12.29 -11.27 10.92
N GLU A 321 12.74 -11.44 9.68
CA GLU A 321 13.63 -12.55 9.37
C GLU A 321 14.99 -12.38 10.02
N LYS A 322 15.49 -11.14 10.09
CA LYS A 322 16.82 -10.92 10.64
C LYS A 322 16.83 -11.00 12.16
N VAL A 323 15.74 -10.62 12.83
CA VAL A 323 15.69 -10.78 14.28
C VAL A 323 15.44 -12.23 14.68
N MET A 324 14.94 -13.06 13.76
CA MET A 324 14.66 -14.46 14.04
C MET A 324 14.79 -15.25 12.73
N PRO A 325 15.87 -16.01 12.57
CA PRO A 325 16.06 -16.76 11.34
C PRO A 325 15.02 -17.86 11.20
N SER A 326 14.64 -18.14 9.95
CA SER A 326 13.65 -19.16 9.67
C SER A 326 14.23 -20.57 9.67
N ARG A 327 15.55 -20.70 9.79
CA ARG A 327 16.16 -22.03 9.82
C ARG A 327 15.74 -22.81 11.06
N TYR A 328 15.64 -22.14 12.20
CA TYR A 328 15.27 -22.79 13.46
C TYR A 328 14.06 -22.11 14.09
N ALA A 329 13.20 -21.50 13.28
CA ALA A 329 12.00 -20.85 13.80
C ALA A 329 10.96 -20.76 12.69
N ALA A 330 9.71 -20.59 13.10
CA ALA A 330 8.59 -20.43 12.18
C ALA A 330 7.98 -19.04 12.35
N ILE A 331 7.67 -18.40 11.23
CA ILE A 331 7.20 -17.02 11.22
C ILE A 331 5.70 -17.01 10.96
N TYR A 332 4.96 -16.30 11.81
CA TYR A 332 3.50 -16.27 11.73
C TYR A 332 3.03 -14.96 11.06
N ASN A 333 3.32 -14.86 9.77
CA ASN A 333 2.94 -13.66 9.04
C ASN A 333 1.44 -13.63 8.69
N GLY A 334 0.87 -14.80 8.39
CA GLY A 334 -0.52 -14.82 7.95
C GLY A 334 -1.48 -14.32 9.01
N GLY A 335 -1.32 -14.80 10.25
CA GLY A 335 -2.22 -14.38 11.32
C GLY A 335 -2.09 -12.90 11.63
N VAL A 336 -0.86 -12.39 11.71
CA VAL A 336 -0.67 -10.99 12.04
C VAL A 336 -1.21 -10.09 10.93
N GLU A 337 -0.98 -10.47 9.66
CA GLU A 337 -1.54 -9.69 8.57
C GLU A 337 -3.06 -9.71 8.60
N ALA A 338 -3.65 -10.88 8.85
CA ALA A 338 -5.10 -10.99 8.88
C ALA A 338 -5.70 -10.13 9.98
N VAL A 339 -5.17 -10.25 11.21
CA VAL A 339 -5.73 -9.49 12.32
C VAL A 339 -5.49 -7.99 12.12
N SER A 340 -4.35 -7.62 11.54
CA SER A 340 -4.05 -6.21 11.31
C SER A 340 -5.03 -5.61 10.30
N THR A 341 -5.24 -6.28 9.17
CA THR A 341 -6.18 -5.78 8.18
C THR A 341 -7.61 -5.77 8.73
N LEU A 342 -7.98 -6.79 9.51
CA LEU A 342 -9.33 -6.84 10.06
C LEU A 342 -9.58 -5.69 11.02
N LEU A 343 -8.63 -5.43 11.93
CA LEU A 343 -8.77 -4.32 12.85
C LEU A 343 -8.71 -2.98 12.12
N GLY A 344 -7.91 -2.89 11.06
CA GLY A 344 -7.90 -1.66 10.27
C GLY A 344 -9.24 -1.37 9.62
N ALA A 345 -9.86 -2.40 9.04
CA ALA A 345 -11.19 -2.22 8.45
C ALA A 345 -12.22 -1.87 9.51
N VAL A 346 -12.14 -2.53 10.67
CA VAL A 346 -13.08 -2.25 11.76
C VAL A 346 -12.93 -0.79 12.22
N ALA A 347 -11.69 -0.33 12.37
CA ALA A 347 -11.46 1.04 12.80
C ALA A 347 -11.89 2.04 11.73
N VAL A 348 -11.71 1.70 10.46
CA VAL A 348 -12.18 2.56 9.38
C VAL A 348 -13.69 2.70 9.44
N PHE A 349 -14.39 1.59 9.68
CA PHE A 349 -15.85 1.65 9.83
C PHE A 349 -16.25 2.46 11.06
N ALA A 350 -15.53 2.29 12.16
CA ALA A 350 -15.88 2.93 13.42
C ALA A 350 -15.46 4.40 13.48
N VAL A 351 -14.62 4.86 12.56
CA VAL A 351 -14.24 6.27 12.54
C VAL A 351 -15.45 7.16 12.30
N GLY A 352 -16.31 6.78 11.37
CA GLY A 352 -17.53 7.52 11.12
C GLY A 352 -18.65 7.25 12.08
N TYR A 353 -18.48 6.30 12.99
CA TYR A 353 -19.53 5.95 13.95
C TYR A 353 -19.56 6.90 15.15
N ILE A 354 -18.60 7.80 15.29
CA ILE A 354 -18.57 8.78 16.37
C ILE A 354 -18.69 10.16 15.74
N LYS A 355 -19.73 10.89 16.14
CA LYS A 355 -19.97 12.23 15.60
C LYS A 355 -19.10 13.22 16.35
N ILE A 356 -17.99 13.62 15.74
CA ILE A 356 -17.07 14.60 16.31
C ILE A 356 -16.68 15.59 15.23
N SER A 357 -16.79 16.88 15.54
CA SER A 357 -16.41 17.92 14.59
C SER A 357 -14.89 17.96 14.43
N TRP A 358 -14.45 18.20 13.20
CA TRP A 358 -13.02 18.23 12.90
C TRP A 358 -12.36 19.51 13.39
N SER A 359 -13.07 20.65 13.26
CA SER A 359 -12.48 21.95 13.55
C SER A 359 -12.10 22.14 15.01
N THR A 360 -12.58 21.29 15.91
CA THR A 360 -12.25 21.45 17.33
C THR A 360 -10.81 21.07 17.61
N TRP A 361 -10.47 19.79 17.38
CA TRP A 361 -9.14 19.29 17.73
C TRP A 361 -8.57 18.36 16.66
N GLY A 362 -8.87 18.60 15.38
CA GLY A 362 -8.31 17.76 14.33
C GLY A 362 -6.79 17.80 14.31
N GLU A 363 -6.21 18.99 14.48
CA GLU A 363 -4.76 19.10 14.50
C GLU A 363 -4.17 18.37 15.70
N MET A 364 -4.82 18.46 16.85
CA MET A 364 -4.34 17.76 18.05
C MET A 364 -4.37 16.26 17.84
N THR A 365 -5.46 15.75 17.26
CA THR A 365 -5.54 14.31 17.01
C THR A 365 -4.51 13.86 15.98
N LEU A 366 -4.28 14.67 14.95
CA LEU A 366 -3.27 14.31 13.95
C LEU A 366 -1.87 14.26 14.57
N SER A 367 -1.55 15.26 15.40
CA SER A 367 -0.25 15.29 16.06
C SER A 367 -0.08 14.11 17.00
N LEU A 368 -1.13 13.78 17.76
CA LEU A 368 -1.07 12.63 18.65
C LEU A 368 -0.88 11.33 17.87
N PHE A 369 -1.57 11.20 16.74
CA PHE A 369 -1.42 10.01 15.91
C PHE A 369 0.00 9.89 15.38
N SER A 370 0.58 11.01 14.94
CA SER A 370 1.96 10.99 14.46
C SER A 370 2.93 10.60 15.58
N LEU A 371 2.70 11.11 16.79
CA LEU A 371 3.55 10.77 17.92
C LEU A 371 3.44 9.29 18.27
N LEU A 372 2.23 8.75 18.25
CA LEU A 372 2.04 7.32 18.50
C LEU A 372 2.74 6.48 17.43
N ILE A 373 2.65 6.91 16.17
CA ILE A 373 3.31 6.18 15.09
C ILE A 373 4.83 6.19 15.29
N ALA A 374 5.38 7.34 15.65
CA ALA A 374 6.81 7.44 15.89
C ALA A 374 7.22 6.55 17.07
N ALA A 375 6.42 6.53 18.13
CA ALA A 375 6.71 5.67 19.27
C ALA A 375 6.69 4.20 18.85
N ALA A 376 5.71 3.82 18.03
CA ALA A 376 5.60 2.43 17.59
C ALA A 376 6.82 2.01 16.77
N VAL A 377 7.25 2.86 15.83
CA VAL A 377 8.39 2.49 15.01
C VAL A 377 9.67 2.48 15.84
N TYR A 378 9.81 3.39 16.81
CA TYR A 378 10.99 3.37 17.66
C TYR A 378 10.99 2.14 18.56
N ILE A 379 9.82 1.71 19.01
CA ILE A 379 9.72 0.49 19.82
C ILE A 379 10.13 -0.73 18.98
N MET A 380 9.54 -0.87 17.79
CA MET A 380 9.89 -2.02 16.97
C MET A 380 11.36 -1.98 16.56
N ASP A 381 11.97 -0.80 16.54
CA ASP A 381 13.43 -0.73 16.43
C ASP A 381 14.11 -1.23 17.71
N THR A 382 13.53 -0.94 18.87
CA THR A 382 14.28 -1.06 20.11
C THR A 382 13.67 -2.07 21.08
N VAL A 383 13.33 -3.26 20.59
CA VAL A 383 12.93 -4.37 21.46
C VAL A 383 13.84 -5.59 21.30
N GLY A 384 14.17 -5.96 20.07
CA GLY A 384 15.00 -7.14 19.87
C GLY A 384 14.32 -8.46 20.11
N ASN A 385 12.99 -8.47 20.23
CA ASN A 385 12.22 -9.69 20.48
C ASN A 385 11.25 -9.90 19.32
N ILE A 386 10.34 -10.85 19.48
CA ILE A 386 9.50 -11.35 18.40
C ILE A 386 8.02 -10.98 18.60
N TRP A 387 7.42 -11.43 19.72
CA TRP A 387 6.01 -11.16 19.94
C TRP A 387 5.75 -9.67 20.14
N VAL A 388 6.62 -9.00 20.89
CA VAL A 388 6.43 -7.57 21.13
C VAL A 388 6.61 -6.78 19.83
N CYS A 389 7.50 -7.22 18.94
CA CYS A 389 7.65 -6.49 17.69
C CYS A 389 6.43 -6.70 16.79
N TYR A 390 5.85 -7.92 16.80
CA TYR A 390 4.57 -8.08 16.11
C TYR A 390 3.49 -7.18 16.71
N ALA A 391 3.43 -7.09 18.03
CA ALA A 391 2.41 -6.25 18.67
C ALA A 391 2.58 -4.78 18.29
N SER A 392 3.81 -4.29 18.31
CA SER A 392 4.07 -2.92 17.91
C SER A 392 3.71 -2.70 16.45
N TYR A 393 4.00 -3.68 15.59
CA TYR A 393 3.61 -3.57 14.19
C TYR A 393 2.09 -3.49 14.05
N VAL A 394 1.36 -4.30 14.81
CA VAL A 394 -0.10 -4.28 14.74
C VAL A 394 -0.64 -2.91 15.15
N VAL A 395 -0.13 -2.39 16.27
CA VAL A 395 -0.59 -1.08 16.74
C VAL A 395 -0.25 0.00 15.73
N PHE A 396 0.93 -0.10 15.11
CA PHE A 396 1.32 0.87 14.10
C PHE A 396 0.38 0.83 12.90
N ARG A 397 0.02 -0.38 12.45
CA ARG A 397 -0.94 -0.49 11.36
C ARG A 397 -2.26 0.15 11.73
N ILE A 398 -2.74 -0.12 12.95
CA ILE A 398 -4.04 0.41 13.37
C ILE A 398 -4.02 1.93 13.37
N ILE A 399 -2.98 2.53 13.95
CA ILE A 399 -2.90 3.99 14.00
C ILE A 399 -2.78 4.56 12.59
N TYR A 400 -2.07 3.84 11.71
CA TYR A 400 -1.95 4.27 10.32
C TYR A 400 -3.32 4.36 9.66
N MET A 401 -4.14 3.31 9.84
CA MET A 401 -5.49 3.33 9.28
C MET A 401 -6.34 4.45 9.88
N LEU A 402 -6.27 4.66 11.20
CA LEU A 402 -7.03 5.77 11.78
C LEU A 402 -6.65 7.10 11.15
N LEU A 403 -5.34 7.37 11.05
CA LEU A 403 -4.89 8.67 10.54
C LEU A 403 -5.30 8.85 9.08
N ILE A 404 -5.06 7.84 8.24
CA ILE A 404 -5.41 8.02 6.83
C ILE A 404 -6.92 8.06 6.65
N THR A 405 -7.67 7.36 7.49
CA THR A 405 -9.11 7.36 7.34
C THR A 405 -9.71 8.73 7.67
N ILE A 406 -9.25 9.34 8.77
CA ILE A 406 -9.73 10.69 9.08
C ILE A 406 -9.24 11.68 8.04
N ALA A 407 -8.04 11.46 7.50
CA ALA A 407 -7.56 12.31 6.41
C ALA A 407 -8.46 12.20 5.19
N THR A 408 -8.89 10.98 4.86
CA THR A 408 -9.79 10.79 3.72
C THR A 408 -11.14 11.46 3.94
N PHE A 409 -11.70 11.34 5.15
CA PHE A 409 -12.94 12.07 5.41
C PHE A 409 -12.76 13.57 5.24
N GLN A 410 -11.68 14.13 5.79
CA GLN A 410 -11.48 15.57 5.68
C GLN A 410 -11.30 16.00 4.23
N ILE A 411 -10.50 15.25 3.46
CA ILE A 411 -10.24 15.61 2.07
C ILE A 411 -11.53 15.49 1.25
N ALA A 412 -12.28 14.41 1.44
CA ALA A 412 -13.52 14.21 0.70
C ALA A 412 -14.54 15.29 1.06
N ALA A 413 -14.58 15.72 2.32
CA ALA A 413 -15.41 16.87 2.67
C ALA A 413 -14.94 18.11 1.93
N ASN A 414 -13.63 18.30 1.81
CA ASN A 414 -13.10 19.43 1.08
C ASN A 414 -13.24 19.24 -0.44
N LEU A 415 -13.11 18.01 -0.92
CA LEU A 415 -13.01 17.76 -2.36
C LEU A 415 -14.39 17.80 -3.00
N SER A 416 -14.40 17.61 -4.33
CA SER A 416 -15.60 17.60 -5.15
C SER A 416 -15.85 16.22 -5.72
N MET A 417 -17.03 16.06 -6.32
CA MET A 417 -17.45 14.75 -6.82
C MET A 417 -16.58 14.28 -7.98
N GLU A 418 -16.18 15.19 -8.87
CA GLU A 418 -15.37 14.82 -10.03
C GLU A 418 -13.88 14.93 -9.79
N ARG A 419 -13.45 15.42 -8.62
CA ARG A 419 -12.05 15.69 -8.36
C ARG A 419 -11.33 14.55 -7.65
N TYR A 420 -12.02 13.46 -7.31
CA TYR A 420 -11.39 12.40 -6.53
C TYR A 420 -10.22 11.78 -7.29
N ALA A 421 -10.45 11.37 -8.54
CA ALA A 421 -9.40 10.71 -9.30
C ALA A 421 -8.21 11.64 -9.52
N LEU A 422 -8.47 12.90 -9.86
CA LEU A 422 -7.40 13.83 -10.13
C LEU A 422 -6.56 14.11 -8.88
N VAL A 423 -7.22 14.31 -7.74
CA VAL A 423 -6.47 14.59 -6.52
C VAL A 423 -5.71 13.36 -6.06
N PHE A 424 -6.32 12.18 -6.16
CA PHE A 424 -5.66 10.94 -5.78
C PHE A 424 -4.54 10.60 -6.75
N GLY A 425 -4.55 11.16 -7.95
CA GLY A 425 -3.44 11.02 -8.85
C GLY A 425 -2.29 11.96 -8.50
N VAL A 426 -2.60 13.24 -8.30
CA VAL A 426 -1.53 14.22 -8.08
C VAL A 426 -0.84 14.00 -6.74
N ASN A 427 -1.61 13.74 -5.68
CA ASN A 427 -0.98 13.55 -4.37
C ASN A 427 -0.18 12.24 -4.34
N THR A 428 -0.69 11.20 -5.00
CA THR A 428 0.07 9.95 -5.09
C THR A 428 1.35 10.16 -5.90
N PHE A 429 1.28 10.97 -6.96
CA PHE A 429 2.48 11.22 -7.76
C PHE A 429 3.54 11.94 -6.95
N ILE A 430 3.15 12.99 -6.21
CA ILE A 430 4.15 13.71 -5.42
C ILE A 430 4.65 12.84 -4.27
N ALA A 431 3.78 12.01 -3.68
CA ALA A 431 4.22 11.10 -2.64
C ALA A 431 5.24 10.11 -3.18
N LEU A 432 4.99 9.55 -4.36
CA LEU A 432 5.93 8.59 -4.95
C LEU A 432 7.25 9.25 -5.32
N ALA A 433 7.20 10.48 -5.85
CA ALA A 433 8.43 11.22 -6.02
C ALA A 433 9.18 11.35 -4.70
N LEU A 434 8.45 11.53 -3.60
CA LEU A 434 9.10 11.71 -2.31
C LEU A 434 9.74 10.42 -1.80
N GLN A 435 9.02 9.28 -1.90
CA GLN A 435 9.66 8.04 -1.45
C GLN A 435 10.86 7.71 -2.32
N THR A 436 10.75 7.97 -3.62
CA THR A 436 11.88 7.74 -4.52
C THR A 436 13.08 8.60 -4.12
N LEU A 437 12.83 9.88 -3.80
CA LEU A 437 13.92 10.75 -3.35
C LEU A 437 14.59 10.16 -2.13
N LEU A 438 13.81 9.85 -1.09
CA LEU A 438 14.41 9.31 0.12
C LEU A 438 15.12 7.99 -0.14
N THR A 439 14.64 7.22 -1.11
CA THR A 439 15.34 6.01 -1.54
C THR A 439 16.70 6.35 -2.11
N LEU A 440 16.79 7.42 -2.91
CA LEU A 440 18.10 7.88 -3.38
C LEU A 440 19.02 8.27 -2.23
N ILE A 441 18.48 8.91 -1.19
CA ILE A 441 19.35 9.25 -0.05
C ILE A 441 19.85 7.99 0.65
N VAL A 442 18.96 7.09 1.05
CA VAL A 442 19.31 6.02 1.99
C VAL A 442 19.34 4.64 1.34
N VAL A 443 18.27 4.26 0.63
CA VAL A 443 18.00 2.84 0.40
C VAL A 443 19.02 2.22 -0.54
N ASP A 444 19.30 2.87 -1.67
CA ASP A 444 20.07 2.23 -2.72
C ASP A 444 21.52 2.02 -2.32
N ALA A 445 22.14 0.98 -2.90
CA ALA A 445 23.52 0.65 -2.61
C ALA A 445 24.50 1.62 -3.27
N SER A 446 24.06 2.37 -4.27
CA SER A 446 24.93 3.36 -4.89
C SER A 446 25.06 4.63 -4.04
N GLY A 447 24.04 4.96 -3.26
CA GLY A 447 24.09 6.14 -2.42
C GLY A 447 24.76 5.88 -1.08
N LEU A 448 24.11 6.27 0.02
CA LEU A 448 24.66 5.96 1.34
C LEU A 448 24.54 4.48 1.65
N GLY A 449 23.40 3.88 1.34
CA GLY A 449 23.22 2.45 1.58
C GLY A 449 23.30 2.06 3.03
N LEU A 450 22.65 2.81 3.91
CA LEU A 450 22.68 2.51 5.33
C LEU A 450 21.97 1.20 5.62
N GLU A 451 22.44 0.50 6.65
CA GLU A 451 21.90 -0.81 7.00
C GLU A 451 20.43 -0.70 7.38
N ILE A 452 19.66 -1.73 7.04
CA ILE A 452 18.24 -1.73 7.30
C ILE A 452 17.96 -1.65 8.80
N THR A 453 18.81 -2.24 9.62
CA THR A 453 18.60 -2.22 11.07
C THR A 453 18.61 -0.80 11.60
N THR A 454 19.54 0.02 11.13
CA THR A 454 19.75 1.35 11.68
C THR A 454 18.98 2.44 10.95
N GLN A 455 18.02 2.07 10.11
CA GLN A 455 17.23 3.06 9.39
C GLN A 455 15.99 3.51 10.15
N PHE A 456 15.64 2.85 11.25
CA PHE A 456 14.44 3.19 12.01
C PHE A 456 14.72 4.10 13.21
N LEU A 457 15.97 4.49 13.44
CA LEU A 457 16.29 5.36 14.57
C LEU A 457 15.73 6.77 14.35
N ILE A 458 16.24 7.46 13.32
CA ILE A 458 15.79 8.82 13.02
C ILE A 458 14.33 8.84 12.58
N TYR A 459 13.80 7.70 12.11
CA TYR A 459 12.46 7.68 11.52
C TYR A 459 11.38 8.11 12.51
N ALA A 460 11.64 7.96 13.82
CA ALA A 460 10.72 8.52 14.80
C ALA A 460 10.68 10.04 14.70
N SER A 461 11.85 10.68 14.55
CA SER A 461 11.88 12.11 14.32
C SER A 461 11.37 12.47 12.94
N TYR A 462 11.59 11.60 11.94
CA TYR A 462 10.94 11.77 10.65
C TYR A 462 9.43 11.71 10.79
N PHE A 463 8.92 10.77 11.59
CA PHE A 463 7.50 10.75 11.91
C PHE A 463 7.14 11.90 12.85
N ALA A 464 8.12 12.48 13.55
CA ALA A 464 7.86 13.61 14.42
C ALA A 464 8.04 14.95 13.70
N LEU A 465 8.88 14.99 12.66
CA LEU A 465 9.06 16.23 11.92
C LEU A 465 7.76 16.68 11.26
N ILE A 466 7.00 15.72 10.71
CA ILE A 466 5.69 16.05 10.18
C ILE A 466 4.74 16.49 11.29
N ALA A 467 4.96 15.99 12.52
CA ALA A 467 4.18 16.47 13.64
C ALA A 467 4.65 17.85 14.10
N VAL A 468 5.96 18.12 13.98
CA VAL A 468 6.49 19.42 14.37
C VAL A 468 5.93 20.51 13.48
N VAL A 469 5.97 20.31 12.16
CA VAL A 469 5.41 21.30 11.24
C VAL A 469 3.90 21.39 11.40
N PHE A 470 3.24 20.26 11.69
CA PHE A 470 1.83 20.31 12.04
C PHE A 470 1.63 21.10 13.34
N LEU A 471 2.50 20.87 14.32
CA LEU A 471 2.47 21.70 15.52
C LEU A 471 2.92 23.12 15.24
N ALA A 472 3.88 23.30 14.33
CA ALA A 472 4.26 24.65 13.92
C ALA A 472 3.10 25.36 13.27
N SER A 473 2.39 24.68 12.36
CA SER A 473 1.13 25.20 11.87
C SER A 473 0.09 25.28 12.98
N GLY A 474 0.13 24.32 13.91
CA GLY A 474 -0.73 24.40 15.07
C GLY A 474 -0.36 25.55 16.00
N ALA A 475 0.93 25.83 16.14
CA ALA A 475 1.37 26.91 17.02
C ALA A 475 0.87 28.26 16.53
N VAL A 476 0.97 28.50 15.21
CA VAL A 476 0.35 29.71 14.64
C VAL A 476 -1.16 29.65 14.81
N SER A 477 -1.74 28.46 14.59
CA SER A 477 -3.17 28.30 14.86
C SER A 477 -3.49 28.50 16.33
N VAL A 478 -2.63 28.00 17.22
CA VAL A 478 -2.80 28.25 18.64
C VAL A 478 -2.58 29.73 18.95
N MET A 479 -1.67 30.37 18.21
CA MET A 479 -1.49 31.81 18.37
C MET A 479 -2.74 32.57 17.93
N LYS A 480 -3.39 32.10 16.87
CA LYS A 480 -4.58 32.74 16.35
C LYS A 480 -5.88 32.18 16.94
N LYS A 481 -5.80 31.12 17.74
CA LYS A 481 -7.02 30.54 18.31
C LYS A 481 -7.66 31.46 19.32
N CYS A 482 -6.87 31.98 20.26
CA CYS A 482 -7.43 32.82 21.32
C CYS A 482 -7.90 34.17 20.78
N ARG A 483 -7.25 34.68 19.74
CA ARG A 483 -7.63 35.95 19.14
C ARG A 483 -7.80 35.82 17.63
OP4 UEG B . 8.34 -6.31 -2.46
C5A UEG B . 7.06 -6.48 -1.88
C5 UEG B . 6.33 -7.63 -2.62
C6 UEG B . 6.58 -7.86 -3.91
N1 UEG B . 5.95 -8.87 -4.56
C2 UEG B . 5.09 -9.62 -3.97
C3 UEG B . 4.78 -9.44 -2.63
C4 UEG B . 5.42 -8.43 -1.94
C4A UEG B . 5.11 -8.17 -0.44
O4A UEG B . 6.17 -8.72 0.33
O3 UEG B . 3.80 -10.32 -1.96
C2A UEG B . 4.40 -10.76 -4.78
#